data_6X8D
#
_entry.id   6X8D
#
_cell.length_a   45.120
_cell.length_b   50.710
_cell.length_c   79.620
_cell.angle_alpha   90.000
_cell.angle_beta   90.000
_cell.angle_gamma   90.000
#
_symmetry.space_group_name_H-M   'P 21 21 21'
#
loop_
_entity.id
_entity.type
_entity.pdbx_description
1 polymer 'Antifreeze protein'
2 non-polymer 'CALCIUM ION'
3 non-polymer alpha-L-arabinopyranose
4 non-polymer 1,2-ETHANEDIOL
5 water water
#
_entity_poly.entity_id   1
_entity_poly.type   'polypeptide(L)'
_entity_poly.pdbx_seq_one_letter_code
;QDDSTPDSLFAGLVGEYYGTNSQLNNISDFRALVDSKEADATFEAANISYGRGSSDVAKGTHLQEFLGSDASTLSTDPGD
NTDGGIYLQGYVYLEAGTYNFKVTADDGYEITINGNPVATVDNNQSVYTVTHASFTISESGYQAIDMIWWDQGGDYVFQP
TLSADGGSTYFVLDSAILSSTGETPYTTAQ
;
_entity_poly.pdbx_strand_id   A
#
loop_
_chem_comp.id
_chem_comp.type
_chem_comp.name
_chem_comp.formula
ARA L-saccharide, alpha linking alpha-L-arabinopyranose 'C5 H10 O5'
CA non-polymer 'CALCIUM ION' 'Ca 2'
EDO non-polymer 1,2-ETHANEDIOL 'C2 H6 O2'
#
# COMPACT_ATOMS: atom_id res chain seq x y z
N ASP A 7 11.88 -11.00 12.65
CA ASP A 7 11.28 -10.57 11.35
C ASP A 7 10.73 -11.80 10.68
N SER A 8 9.41 -11.97 10.72
CA SER A 8 8.89 -13.22 10.19
C SER A 8 8.96 -13.20 8.65
N LEU A 9 9.13 -14.40 8.11
CA LEU A 9 9.17 -14.62 6.67
C LEU A 9 7.79 -15.05 6.20
N PHE A 10 7.19 -14.24 5.34
CA PHE A 10 5.89 -14.57 4.76
C PHE A 10 5.84 -13.97 3.36
N ALA A 11 4.90 -14.45 2.57
CA ALA A 11 4.72 -14.03 1.20
C ALA A 11 3.79 -12.78 1.18
N GLY A 12 4.37 -11.65 1.52
CA GLY A 12 3.62 -10.40 1.69
C GLY A 12 4.60 -9.31 2.14
N LEU A 13 4.05 -8.09 2.23
CA LEU A 13 4.80 -6.99 2.83
C LEU A 13 4.44 -6.85 4.32
N VAL A 14 5.37 -6.34 5.08
CA VAL A 14 5.13 -5.96 6.48
C VAL A 14 4.20 -4.76 6.49
N GLY A 15 3.06 -4.87 7.11
CA GLY A 15 2.07 -3.79 7.15
C GLY A 15 1.96 -3.18 8.53
N GLU A 16 1.88 -1.85 8.56
CA GLU A 16 1.60 -1.06 9.75
C GLU A 16 0.45 -0.13 9.45
N TYR A 17 -0.49 -0.08 10.40
CA TYR A 17 -1.61 0.89 10.36
C TYR A 17 -1.39 1.95 11.45
N TYR A 18 -1.68 3.19 11.04
CA TYR A 18 -1.63 4.36 11.97
C TYR A 18 -2.91 5.14 11.83
N GLY A 19 -3.50 5.47 12.98
CA GLY A 19 -4.67 6.36 13.04
C GLY A 19 -4.32 7.66 13.73
N THR A 20 -5.13 8.68 13.45
CA THR A 20 -4.93 10.01 14.07
C THR A 20 -6.26 10.75 14.06
N ASN A 21 -6.37 11.76 14.97
CA ASN A 21 -7.49 12.67 14.97
C ASN A 21 -7.10 14.04 14.42
N SER A 22 -5.95 14.12 13.83
CA SER A 22 -5.50 15.28 13.05
C SER A 22 -5.80 15.00 11.57
N GLN A 23 -5.77 16.07 10.76
CA GLN A 23 -6.05 15.97 9.34
C GLN A 23 -4.83 15.52 8.58
N LEU A 24 -5.02 14.51 7.71
CA LEU A 24 -4.02 14.10 6.73
C LEU A 24 -4.33 14.74 5.38
N ASN A 25 -3.45 15.67 4.96
CA ASN A 25 -3.67 16.37 3.68
C ASN A 25 -2.73 15.89 2.56
N ASN A 26 -1.64 15.20 2.87
CA ASN A 26 -0.57 14.93 1.91
C ASN A 26 0.35 13.86 2.48
N ILE A 27 1.31 13.49 1.64
CA ILE A 27 2.23 12.41 1.97
C ILE A 27 3.01 12.73 3.25
N SER A 28 3.54 13.96 3.31
CA SER A 28 4.32 14.40 4.45
C SER A 28 3.55 14.24 5.76
N ASP A 29 2.24 14.55 5.75
CA ASP A 29 1.45 14.44 6.97
C ASP A 29 1.41 12.97 7.41
N PHE A 30 1.22 12.06 6.46
CA PHE A 30 1.11 10.65 6.85
C PHE A 30 2.48 10.13 7.32
N ARG A 31 3.55 10.48 6.59
CA ARG A 31 4.86 10.04 7.02
C ARG A 31 5.21 10.58 8.42
N ALA A 32 4.83 11.83 8.74
CA ALA A 32 5.07 12.36 10.05
C ALA A 32 4.28 11.57 11.11
N LEU A 33 3.06 11.14 10.76
CA LEU A 33 2.31 10.28 11.71
C LEU A 33 3.06 8.97 11.96
N VAL A 34 3.55 8.31 10.91
CA VAL A 34 4.28 7.12 11.07
C VAL A 34 5.48 7.30 11.99
N ASP A 35 6.20 8.42 11.81
CA ASP A 35 7.39 8.75 12.62
C ASP A 35 7.06 9.02 14.09
N SER A 36 5.83 9.40 14.40
CA SER A 36 5.51 9.92 15.64
C SER A 36 5.27 8.91 16.77
N LYS A 37 5.00 7.66 16.41
CA LYS A 37 4.57 6.67 17.42
C LYS A 37 4.71 5.26 16.85
N GLU A 38 4.50 4.27 17.71
CA GLU A 38 4.43 2.87 17.27
C GLU A 38 3.13 2.66 16.49
N ALA A 39 3.14 1.72 15.57
CA ALA A 39 1.95 1.42 14.77
C ALA A 39 0.76 1.10 15.71
N ASP A 40 -0.41 1.54 15.34
CA ASP A 40 -1.63 1.14 16.04
C ASP A 40 -1.99 -0.31 15.80
N ALA A 41 -1.59 -0.89 14.67
CA ALA A 41 -1.71 -2.33 14.42
C ALA A 41 -0.69 -2.72 13.37
N THR A 42 -0.27 -3.98 13.39
CA THR A 42 0.53 -4.55 12.32
C THR A 42 -0.31 -5.65 11.63
N PHE A 43 0.13 -5.99 10.41
CA PHE A 43 -0.55 -7.02 9.66
C PHE A 43 0.40 -7.48 8.51
N GLU A 44 0.01 -8.61 7.90
CA GLU A 44 0.70 -9.11 6.71
C GLU A 44 -0.05 -8.66 5.47
N ALA A 45 0.60 -7.92 4.58
CA ALA A 45 -0.04 -7.43 3.37
C ALA A 45 0.30 -8.39 2.21
N ALA A 46 -0.55 -9.42 2.08
CA ALA A 46 -0.38 -10.48 1.10
C ALA A 46 -1.26 -10.35 -0.12
N ASN A 47 -2.21 -9.42 -0.15
CA ASN A 47 -3.09 -9.26 -1.31
C ASN A 47 -3.47 -7.78 -1.35
N ILE A 48 -2.65 -6.98 -2.06
CA ILE A 48 -2.68 -5.52 -1.92
C ILE A 48 -3.75 -4.96 -2.85
N SER A 49 -5.01 -5.17 -2.44
CA SER A 49 -6.17 -4.67 -3.18
C SER A 49 -7.24 -4.45 -2.13
N TYR A 50 -7.36 -3.21 -1.64
CA TYR A 50 -8.08 -2.92 -0.41
C TYR A 50 -9.29 -2.01 -0.71
N GLY A 51 -10.38 -2.23 0.01
CA GLY A 51 -11.54 -1.42 -0.20
C GLY A 51 -12.30 -1.87 -1.44
N ARG A 52 -13.31 -1.08 -1.86
CA ARG A 52 -13.72 0.25 -1.38
C ARG A 52 -14.66 0.13 -0.17
N GLY A 53 -14.66 1.18 0.60
CA GLY A 53 -15.70 1.35 1.63
C GLY A 53 -15.96 2.82 1.91
N SER A 54 -16.85 3.02 2.83
CA SER A 54 -17.34 4.36 3.20
C SER A 54 -17.29 4.59 4.72
N SER A 55 -17.47 5.86 5.11
CA SER A 55 -17.68 6.22 6.50
C SER A 55 -16.38 6.08 7.37
N ASP A 56 -15.25 6.40 6.72
CA ASP A 56 -13.90 6.63 7.35
C ASP A 56 -13.17 5.31 7.64
N VAL A 57 -11.99 5.12 7.06
CA VAL A 57 -11.26 3.83 7.26
C VAL A 57 -10.96 3.63 8.72
N ALA A 58 -10.78 4.74 9.48
CA ALA A 58 -10.26 4.66 10.82
C ALA A 58 -11.34 4.44 11.87
N LYS A 59 -12.60 4.35 11.44
N LYS A 59 -12.60 4.35 11.45
CA LYS A 59 -13.73 4.14 12.36
CA LYS A 59 -13.72 4.14 12.38
C LYS A 59 -14.11 2.66 12.40
C LYS A 59 -14.12 2.66 12.40
N GLY A 60 -14.73 2.30 13.62
CA GLY A 60 -15.25 0.90 13.74
C GLY A 60 -14.43 -0.18 13.14
N THR A 61 -15.11 -1.02 12.35
CA THR A 61 -14.46 -2.19 11.72
C THR A 61 -14.12 -1.92 10.25
N HIS A 62 -14.04 -0.63 9.88
CA HIS A 62 -13.79 -0.31 8.47
C HIS A 62 -12.42 -0.75 8.03
N LEU A 63 -11.40 -0.70 8.90
CA LEU A 63 -10.08 -1.14 8.50
C LEU A 63 -10.09 -2.62 8.17
N GLN A 64 -10.77 -3.40 9.00
CA GLN A 64 -10.88 -4.85 8.77
C GLN A 64 -11.52 -5.12 7.41
N GLU A 65 -12.61 -4.40 7.12
CA GLU A 65 -13.32 -4.59 5.85
C GLU A 65 -12.41 -4.22 4.67
N PHE A 66 -11.70 -3.10 4.82
CA PHE A 66 -10.75 -2.61 3.79
C PHE A 66 -9.66 -3.62 3.51
N LEU A 67 -9.05 -4.17 4.56
CA LEU A 67 -7.94 -5.11 4.40
C LEU A 67 -8.40 -6.50 3.93
N GLY A 68 -9.66 -6.84 4.18
CA GLY A 68 -10.26 -8.09 3.69
C GLY A 68 -9.45 -9.28 4.06
N SER A 69 -9.02 -10.06 3.01
CA SER A 69 -8.23 -11.31 3.13
C SER A 69 -6.95 -11.09 3.97
N ASP A 70 -6.46 -9.87 4.22
CA ASP A 70 -5.27 -9.64 5.06
C ASP A 70 -5.64 -9.29 6.52
N ALA A 71 -6.91 -8.98 6.80
CA ALA A 71 -7.29 -8.53 8.15
C ALA A 71 -7.14 -9.62 9.23
N SER A 72 -7.12 -10.91 8.83
CA SER A 72 -6.98 -11.95 9.85
C SER A 72 -5.59 -11.96 10.51
N THR A 73 -4.63 -11.18 9.93
CA THR A 73 -3.29 -11.06 10.48
C THR A 73 -3.12 -9.79 11.34
N LEU A 74 -4.20 -9.03 11.58
CA LEU A 74 -4.07 -7.84 12.42
C LEU A 74 -3.60 -8.21 13.82
N SER A 75 -2.68 -7.43 14.36
CA SER A 75 -2.17 -7.64 15.67
C SER A 75 -3.14 -7.20 16.79
N THR A 76 -4.04 -6.26 16.46
CA THR A 76 -4.99 -5.73 17.36
C THR A 76 -6.09 -5.09 16.50
N ASP A 77 -7.23 -4.77 17.13
CA ASP A 77 -8.29 -3.97 16.52
C ASP A 77 -8.12 -2.56 17.00
N PRO A 78 -7.62 -1.64 16.15
CA PRO A 78 -7.47 -0.24 16.58
C PRO A 78 -8.79 0.35 17.08
N GLY A 79 -8.70 1.29 18.01
CA GLY A 79 -9.79 2.13 18.36
C GLY A 79 -10.12 3.11 17.26
N ASP A 80 -11.17 3.90 17.50
CA ASP A 80 -11.59 4.88 16.50
C ASP A 80 -10.60 6.02 16.37
N ASN A 81 -10.43 6.46 15.13
CA ASN A 81 -9.76 7.77 14.84
C ASN A 81 -10.53 8.36 13.66
N THR A 82 -10.25 9.65 13.36
CA THR A 82 -10.90 10.26 12.21
C THR A 82 -10.21 9.95 10.88
N ASP A 83 -8.87 9.85 10.93
CA ASP A 83 -8.02 9.72 9.77
C ASP A 83 -7.06 8.54 10.00
N GLY A 84 -6.60 7.89 8.90
CA GLY A 84 -5.64 6.83 9.14
C GLY A 84 -5.06 6.37 7.83
N GLY A 85 -4.04 5.51 7.94
CA GLY A 85 -3.40 5.00 6.73
C GLY A 85 -2.49 3.85 7.03
N ILE A 86 -1.85 3.36 5.95
CA ILE A 86 -0.99 2.18 6.06
C ILE A 86 0.38 2.49 5.50
N TYR A 87 1.38 1.80 6.08
CA TYR A 87 2.76 1.81 5.62
C TYR A 87 3.15 0.36 5.42
N LEU A 88 3.52 0.02 4.18
CA LEU A 88 3.88 -1.37 3.83
C LEU A 88 5.33 -1.38 3.40
N GLN A 89 6.10 -2.39 3.78
N GLN A 89 6.08 -2.42 3.73
CA GLN A 89 7.49 -2.45 3.32
CA GLN A 89 7.52 -2.47 3.39
C GLN A 89 7.94 -3.91 3.24
C GLN A 89 7.94 -3.92 3.24
N GLY A 90 8.78 -4.17 2.26
CA GLY A 90 9.39 -5.50 2.09
C GLY A 90 9.96 -5.59 0.70
N TYR A 91 9.68 -6.69 0.01
CA TYR A 91 10.34 -6.99 -1.25
C TYR A 91 9.33 -7.58 -2.23
N VAL A 92 9.64 -7.38 -3.51
CA VAL A 92 8.81 -7.88 -4.58
C VAL A 92 9.72 -8.50 -5.66
N TYR A 93 9.42 -9.71 -6.08
CA TYR A 93 10.24 -10.36 -7.12
C TYR A 93 9.85 -9.78 -8.47
N LEU A 94 10.82 -9.16 -9.16
CA LEU A 94 10.63 -8.67 -10.53
C LEU A 94 11.87 -9.01 -11.35
N GLU A 95 11.61 -9.50 -12.57
CA GLU A 95 12.69 -9.70 -13.54
C GLU A 95 13.14 -8.33 -14.03
N ALA A 96 14.37 -8.27 -14.50
CA ALA A 96 14.86 -7.05 -15.14
C ALA A 96 13.90 -6.70 -16.28
N GLY A 97 13.65 -5.40 -16.47
CA GLY A 97 12.81 -4.90 -17.55
C GLY A 97 12.10 -3.62 -17.15
N THR A 98 11.08 -3.29 -17.90
CA THR A 98 10.32 -2.04 -17.75
C THR A 98 8.94 -2.34 -17.19
N TYR A 99 8.47 -1.48 -16.30
CA TYR A 99 7.19 -1.69 -15.59
C TYR A 99 6.53 -0.34 -15.37
N ASN A 100 5.21 -0.36 -15.10
CA ASN A 100 4.57 0.87 -14.62
C ASN A 100 3.39 0.46 -13.73
N PHE A 101 3.14 1.30 -12.71
CA PHE A 101 1.97 1.15 -11.87
C PHE A 101 0.75 1.87 -12.50
N LYS A 102 -0.44 1.31 -12.14
CA LYS A 102 -1.73 1.97 -12.36
C LYS A 102 -2.47 1.79 -11.06
N VAL A 103 -2.79 2.91 -10.39
CA VAL A 103 -3.28 2.86 -9.02
C VAL A 103 -4.66 3.49 -8.94
N THR A 104 -5.59 2.79 -8.28
CA THR A 104 -6.89 3.35 -7.94
C THR A 104 -6.87 3.65 -6.45
N ALA A 105 -7.20 4.89 -6.07
CA ALA A 105 -7.10 5.24 -4.65
C ALA A 105 -8.04 6.39 -4.27
N ASP A 106 -8.39 6.36 -3.01
CA ASP A 106 -8.95 7.48 -2.23
C ASP A 106 -8.38 7.24 -0.85
N ASP A 107 -7.51 8.06 -0.25
CA ASP A 107 -7.01 9.35 -0.73
C ASP A 107 -5.71 9.13 -1.50
N GLY A 108 -4.60 9.72 -1.05
CA GLY A 108 -3.34 9.66 -1.81
C GLY A 108 -2.42 8.54 -1.35
N TYR A 109 -1.23 8.53 -1.94
CA TYR A 109 -0.32 7.41 -1.77
C TYR A 109 1.05 7.73 -2.33
N GLU A 110 2.02 6.91 -1.94
CA GLU A 110 3.32 6.93 -2.59
C GLU A 110 3.90 5.53 -2.56
N ILE A 111 4.41 5.06 -3.71
CA ILE A 111 5.07 3.76 -3.80
C ILE A 111 6.50 4.02 -4.22
N THR A 112 7.46 3.35 -3.56
CA THR A 112 8.84 3.44 -3.94
C THR A 112 9.41 2.09 -4.27
N ILE A 113 10.30 1.99 -5.21
CA ILE A 113 11.02 0.72 -5.49
C ILE A 113 12.51 1.02 -5.48
N ASN A 114 13.23 0.19 -4.72
CA ASN A 114 14.66 0.42 -4.49
C ASN A 114 14.87 1.89 -4.04
N GLY A 115 13.95 2.37 -3.22
CA GLY A 115 14.06 3.69 -2.57
C GLY A 115 13.63 4.86 -3.45
N ASN A 116 13.27 4.63 -4.71
CA ASN A 116 12.90 5.72 -5.60
C ASN A 116 11.42 5.74 -5.86
N PRO A 117 10.74 6.90 -5.75
CA PRO A 117 9.32 6.96 -6.03
C PRO A 117 9.01 6.55 -7.46
N VAL A 118 7.98 5.72 -7.58
CA VAL A 118 7.49 5.28 -8.87
C VAL A 118 5.99 5.52 -9.06
N ALA A 119 5.27 5.96 -8.01
CA ALA A 119 3.86 6.28 -8.12
C ALA A 119 3.53 7.18 -6.96
N THR A 120 3.07 8.40 -7.24
CA THR A 120 2.83 9.43 -6.20
C THR A 120 1.53 10.17 -6.47
N VAL A 121 0.69 10.29 -5.46
CA VAL A 121 -0.43 11.24 -5.41
C VAL A 121 -0.33 11.93 -4.06
N ASP A 122 0.09 13.19 -4.09
CA ASP A 122 0.42 13.95 -2.88
C ASP A 122 -0.72 14.84 -2.41
N ASN A 123 -1.94 14.32 -2.38
CA ASN A 123 -3.10 15.12 -2.02
C ASN A 123 -4.28 14.16 -1.78
N ASN A 124 -5.32 14.72 -1.19
CA ASN A 124 -6.57 14.01 -1.01
C ASN A 124 -7.32 13.99 -2.32
N GLN A 125 -8.16 12.95 -2.46
CA GLN A 125 -8.97 12.80 -3.69
C GLN A 125 -10.08 11.78 -3.43
N SER A 126 -11.24 12.05 -4.04
N SER A 126 -11.25 12.02 -4.02
CA SER A 126 -12.21 11.01 -4.36
CA SER A 126 -12.18 10.95 -4.20
C SER A 126 -11.55 9.97 -5.26
C SER A 126 -11.61 9.97 -5.26
N VAL A 127 -12.26 8.80 -5.34
CA VAL A 127 -11.64 7.63 -6.02
C VAL A 127 -11.16 8.05 -7.44
N TYR A 128 -9.91 7.67 -7.75
CA TYR A 128 -9.37 8.15 -9.07
C TYR A 128 -8.32 7.08 -9.39
N THR A 129 -8.17 6.80 -10.69
CA THR A 129 -7.18 5.85 -11.20
C THR A 129 -6.14 6.61 -12.03
N VAL A 130 -4.86 6.52 -11.66
CA VAL A 130 -3.75 7.14 -12.36
C VAL A 130 -2.90 6.02 -12.98
N THR A 131 -2.62 6.17 -14.28
CA THR A 131 -1.58 5.37 -14.96
C THR A 131 -0.25 6.13 -14.81
N HIS A 132 0.70 5.57 -14.06
CA HIS A 132 1.94 6.24 -13.74
C HIS A 132 2.98 5.93 -14.81
N ALA A 133 4.02 6.75 -14.84
CA ALA A 133 5.14 6.61 -15.77
C ALA A 133 5.94 5.33 -15.50
N SER A 134 6.58 4.83 -16.57
N SER A 134 6.59 4.84 -16.55
CA SER A 134 7.38 3.62 -16.52
CA SER A 134 7.33 3.63 -16.44
C SER A 134 8.65 3.84 -15.72
C SER A 134 8.63 3.86 -15.69
N PHE A 135 9.17 2.74 -15.18
CA PHE A 135 10.42 2.68 -14.54
C PHE A 135 11.14 1.39 -14.98
N THR A 136 12.42 1.33 -14.65
N THR A 136 12.46 1.32 -14.81
CA THR A 136 13.24 0.16 -15.04
CA THR A 136 13.17 0.08 -15.19
C THR A 136 13.74 -0.56 -13.80
C THR A 136 13.82 -0.55 -13.95
N ILE A 137 13.83 -1.88 -13.97
CA ILE A 137 14.51 -2.76 -13.01
C ILE A 137 15.75 -3.29 -13.72
N SER A 138 16.93 -3.04 -13.13
CA SER A 138 18.16 -3.38 -13.83
C SER A 138 18.61 -4.82 -13.58
N GLU A 139 18.26 -5.45 -12.44
CA GLU A 139 18.72 -6.78 -12.13
C GLU A 139 17.55 -7.60 -11.59
N SER A 140 17.30 -8.75 -12.19
CA SER A 140 16.22 -9.66 -11.70
C SER A 140 16.44 -10.04 -10.24
N GLY A 141 15.34 -10.18 -9.51
CA GLY A 141 15.38 -10.65 -8.16
C GLY A 141 14.36 -9.94 -7.29
N TYR A 142 14.54 -10.05 -5.99
CA TYR A 142 13.73 -9.35 -5.03
C TYR A 142 14.17 -7.89 -4.96
N GLN A 143 13.25 -7.00 -5.30
CA GLN A 143 13.45 -5.56 -5.25
C GLN A 143 12.89 -5.04 -3.95
N ALA A 144 13.50 -4.07 -3.30
CA ALA A 144 12.90 -3.39 -2.15
C ALA A 144 11.69 -2.59 -2.63
N ILE A 145 10.62 -2.62 -1.83
CA ILE A 145 9.40 -1.86 -2.16
C ILE A 145 8.82 -1.33 -0.87
N ASP A 146 8.32 -0.11 -0.91
CA ASP A 146 7.49 0.37 0.21
C ASP A 146 6.32 1.16 -0.36
N MET A 147 5.27 1.28 0.48
CA MET A 147 4.02 2.00 0.01
C MET A 147 3.49 2.71 1.24
N ILE A 148 2.98 3.91 1.04
CA ILE A 148 2.08 4.53 2.01
C ILE A 148 0.78 4.85 1.27
N TRP A 149 -0.32 4.84 2.03
CA TRP A 149 -1.66 5.24 1.56
C TRP A 149 -2.36 5.80 2.75
N TRP A 150 -3.29 6.75 2.57
CA TRP A 150 -4.07 7.18 3.67
C TRP A 150 -5.49 7.57 3.24
N ASP A 151 -6.31 7.69 4.28
CA ASP A 151 -7.68 8.21 4.19
C ASP A 151 -7.82 9.40 5.12
N GLN A 152 -8.22 10.54 4.56
N GLN A 152 -8.22 10.54 4.56
CA GLN A 152 -8.53 11.73 5.39
CA GLN A 152 -8.53 11.74 5.38
C GLN A 152 -9.94 11.64 5.96
C GLN A 152 -9.93 11.65 5.96
N GLY A 153 -10.73 10.67 5.53
CA GLY A 153 -12.13 10.59 5.89
C GLY A 153 -12.98 10.26 4.68
N GLY A 154 -14.23 9.79 4.91
CA GLY A 154 -15.17 9.50 3.85
C GLY A 154 -14.95 8.14 3.24
N ASP A 155 -14.80 8.08 1.92
CA ASP A 155 -14.57 6.81 1.23
C ASP A 155 -13.09 6.47 1.24
N TYR A 156 -12.78 5.21 0.94
CA TYR A 156 -11.39 4.76 0.98
C TYR A 156 -11.26 3.56 0.05
N VAL A 157 -10.18 3.54 -0.73
CA VAL A 157 -9.85 2.40 -1.60
C VAL A 157 -8.36 2.50 -1.91
N PHE A 158 -7.69 1.34 -2.11
CA PHE A 158 -6.29 1.37 -2.51
C PHE A 158 -5.97 0.09 -3.30
N GLN A 159 -5.73 0.25 -4.59
CA GLN A 159 -5.42 -0.93 -5.44
C GLN A 159 -4.31 -0.53 -6.41
N PRO A 160 -3.04 -0.76 -6.04
N PRO A 160 -3.03 -0.76 -6.04
CA PRO A 160 -1.96 -0.52 -6.98
CA PRO A 160 -1.90 -0.47 -6.93
C PRO A 160 -1.95 -1.79 -7.84
C PRO A 160 -1.40 -1.61 -7.84
N THR A 161 -1.84 -1.62 -9.11
CA THR A 161 -1.57 -2.73 -10.02
C THR A 161 -0.34 -2.39 -10.80
N LEU A 162 0.32 -3.45 -11.32
CA LEU A 162 1.60 -3.31 -12.00
C LEU A 162 1.57 -3.99 -13.36
N SER A 163 2.16 -3.34 -14.35
CA SER A 163 2.28 -3.92 -15.71
C SER A 163 3.74 -4.15 -16.04
N ALA A 164 4.02 -5.29 -16.66
CA ALA A 164 5.34 -5.64 -17.18
C ALA A 164 5.37 -5.60 -18.71
N ASP A 165 4.25 -5.26 -19.35
CA ASP A 165 4.11 -5.42 -20.78
C ASP A 165 3.60 -4.13 -21.42
N GLY A 166 4.07 -3.00 -20.91
CA GLY A 166 3.78 -1.74 -21.52
C GLY A 166 2.35 -1.29 -21.34
N GLY A 167 1.72 -1.73 -20.26
CA GLY A 167 0.38 -1.25 -19.92
C GLY A 167 -0.72 -2.00 -20.61
N SER A 168 -0.44 -3.14 -21.24
N SER A 168 -0.42 -3.18 -21.19
CA SER A 168 -1.50 -3.92 -21.79
CA SER A 168 -1.44 -4.07 -21.83
C SER A 168 -2.25 -4.74 -20.69
C SER A 168 -2.22 -4.92 -20.80
N THR A 169 -1.50 -5.40 -19.78
CA THR A 169 -2.05 -6.15 -18.71
C THR A 169 -1.45 -5.69 -17.41
N TYR A 170 -2.24 -5.83 -16.34
CA TYR A 170 -1.81 -5.42 -15.01
C TYR A 170 -2.15 -6.52 -14.02
N PHE A 171 -1.35 -6.62 -12.97
CA PHE A 171 -1.55 -7.56 -11.91
C PHE A 171 -1.52 -6.87 -10.55
N VAL A 172 -2.25 -7.47 -9.60
CA VAL A 172 -2.18 -7.12 -8.18
C VAL A 172 -0.91 -7.71 -7.59
N LEU A 173 -0.28 -6.98 -6.67
N LEU A 173 -0.28 -6.98 -6.67
CA LEU A 173 0.86 -7.49 -5.89
CA LEU A 173 0.85 -7.50 -5.92
C LEU A 173 0.33 -8.38 -4.79
C LEU A 173 0.33 -8.37 -4.79
N ASP A 174 0.69 -9.64 -4.79
CA ASP A 174 0.18 -10.60 -3.82
C ASP A 174 1.26 -11.64 -3.53
N SER A 175 0.78 -12.69 -2.83
N SER A 175 0.83 -12.72 -2.83
CA SER A 175 1.67 -13.72 -2.31
CA SER A 175 1.75 -13.73 -2.34
C SER A 175 2.48 -14.43 -3.41
C SER A 175 2.58 -14.38 -3.46
N ALA A 176 2.12 -14.33 -4.71
CA ALA A 176 2.92 -14.95 -5.77
C ALA A 176 4.34 -14.37 -5.83
N ILE A 177 4.51 -13.09 -5.50
CA ILE A 177 5.75 -12.38 -5.77
C ILE A 177 6.29 -11.56 -4.58
N LEU A 178 5.49 -11.41 -3.52
CA LEU A 178 5.95 -10.61 -2.34
C LEU A 178 6.73 -11.46 -1.35
N SER A 179 7.69 -10.82 -0.66
CA SER A 179 8.44 -11.42 0.38
C SER A 179 8.71 -10.38 1.49
N SER A 180 8.50 -10.75 2.72
CA SER A 180 8.65 -9.80 3.78
C SER A 180 10.09 -9.43 4.06
N THR A 181 11.02 -10.35 3.81
CA THR A 181 12.44 -10.18 4.20
C THR A 181 13.39 -10.21 3.01
N GLY A 182 12.93 -10.65 1.83
CA GLY A 182 13.78 -10.85 0.69
C GLY A 182 14.30 -12.28 0.54
N GLU A 183 14.00 -13.13 1.52
CA GLU A 183 14.20 -14.57 1.34
C GLU A 183 12.98 -15.13 0.61
N THR A 184 13.17 -16.33 0.00
CA THR A 184 12.09 -16.95 -0.76
C THR A 184 11.06 -17.54 0.19
N PRO A 185 9.80 -17.13 0.14
CA PRO A 185 8.79 -17.71 1.01
C PRO A 185 8.25 -19.03 0.39
N TYR A 186 8.06 -19.99 1.25
CA TYR A 186 7.43 -21.31 0.99
C TYR A 186 6.30 -21.55 2.00
CA CA B . -11.24 9.48 1.79
CA CA C . -11.60 -0.58 15.16
CA CA D . -9.74 14.23 8.26
CA CA E . 6.44 4.42 13.87
CA CA F . 14.00 7.75 -1.34
CA CA G . -11.32 -7.11 -0.48
C1 ARA H . -12.17 12.03 -0.09
C2 ARA H . -13.49 11.40 0.27
C3 ARA H . -14.54 11.67 -0.73
C4 ARA H . -14.67 13.15 -0.93
C5 ARA H . -13.32 13.79 -1.24
O1 ARA H . -11.28 11.85 0.91
O2 ARA H . -13.28 10.00 0.46
O3 ARA H . -15.81 11.07 -0.30
O4 ARA H . -15.32 13.75 0.19
O5 ARA H . -12.36 13.48 -0.20
H1 ARA H . -11.83 11.67 -0.93
H2 ARA H . -13.78 11.77 1.11
H3 ARA H . -14.27 11.27 -1.57
H4 ARA H . -15.24 13.28 -1.71
H51 ARA H . -13.42 14.75 -1.29
H52 ARA H . -12.99 13.45 -2.08
HO1 ARA H . -10.71 12.47 0.90
HO2 ARA H . -13.52 9.71 -0.30
HO3 ARA H . -16.15 10.64 -0.95
HO4 ARA H . -15.94 14.27 -0.09
C1 EDO I . -15.38 -6.97 10.90
O1 EDO I . -16.19 -6.74 11.83
C2 EDO I . -14.18 -7.70 11.30
O2 EDO I . -13.68 -8.66 10.49
H11 EDO I . -15.13 -6.20 10.37
H12 EDO I . -15.84 -7.57 10.27
HO1 EDO I . -16.83 -6.25 11.53
H21 EDO I . -14.37 -8.11 12.17
H22 EDO I . -13.59 -7.04 11.45
HO2 EDO I . -12.95 -8.96 10.82
C1 EDO J . 7.50 6.27 6.79
O1 EDO J . 7.78 7.41 5.92
C2 EDO J . 8.72 5.31 6.90
O2 EDO J . 8.77 4.38 8.01
H11 EDO J . 6.64 5.73 6.38
H12 EDO J . 7.23 6.63 7.78
HO1 EDO J . 7.06 8.05 5.99
H21 EDO J . 9.63 5.92 6.92
H22 EDO J . 8.76 4.72 5.97
HO2 EDO J . 9.56 3.84 7.96
C1 EDO K . 14.11 2.01 -8.82
O1 EDO K . 13.04 2.67 -9.35
C2 EDO K . 14.39 0.74 -9.57
O2 EDO K . 15.61 0.20 -9.28
H11 EDO K . 13.88 1.80 -7.90
H12 EDO K . 14.89 2.59 -8.84
HO1 EDO K . 13.25 2.98 -10.11
H21 EDO K . 14.34 0.92 -10.53
H22 EDO K . 13.70 0.08 -9.35
HO2 EDO K . 15.73 -0.49 -9.75
#